data_4R4R
#
_entry.id   4R4R
#
_cell.length_a   36.690
_cell.length_b   58.790
_cell.length_c   109.830
_cell.angle_alpha   90.00
_cell.angle_beta   90.00
_cell.angle_gamma   90.00
#
_symmetry.space_group_name_H-M   'P 21 21 21'
#
loop_
_entity.id
_entity.type
_entity.pdbx_description
1 polymer 'Beta-lactamase TEM,Beta-lactamase PSE-4'
2 non-polymer 'CHLORIDE ION'
3 non-polymer 'MAGNESIUM ION'
4 water water
#
_entity_poly.entity_id   1
_entity_poly.type   'polypeptide(L)'
_entity_poly.pdbx_seq_one_letter_code
;HPETLVKVKDAEDQLGARVGYIELDLNSGKILESFRPEERFPLTSTFKVLLCGAVLSRVDAGQEQLGRRIHYSQNDLVEY
SPVTEKHLTDGMTVRELCSAAITMSDNTAANLLLTTIGGPKELTDFLRQIGDKETRLDRIEPDLNEGKLGDLRDTTTPKA
IASTLRKLLTGELLTLASRQQLIDWMEADKVAGPLLRSALPAGWFIADKSGAGERGSRGIIAALGPDGKPSRIVVIYTTG
SQATMDERNRQIAEIGASLIKHW
;
_entity_poly.pdbx_strand_id   A
#
loop_
_chem_comp.id
_chem_comp.type
_chem_comp.name
_chem_comp.formula
CL non-polymer 'CHLORIDE ION' 'Cl -1'
MG non-polymer 'MAGNESIUM ION' 'Mg 2'
#
# COMPACT_ATOMS: atom_id res chain seq x y z
N HIS A 1 -21.18 -4.82 0.60
CA HIS A 1 -22.43 -5.45 1.13
C HIS A 1 -22.69 -4.80 2.46
N PRO A 2 -23.98 -4.63 2.80
CA PRO A 2 -24.26 -3.97 4.07
C PRO A 2 -23.62 -4.63 5.30
N GLU A 3 -23.48 -5.93 5.30
CA GLU A 3 -22.86 -6.59 6.44
C GLU A 3 -21.44 -6.13 6.65
N THR A 4 -20.71 -5.86 5.56
CA THR A 4 -19.42 -5.34 5.70
C THR A 4 -19.42 -3.95 6.33
N LEU A 5 -20.38 -3.10 5.93
CA LEU A 5 -20.51 -1.84 6.57
C LEU A 5 -20.71 -1.93 8.07
N VAL A 6 -21.54 -2.87 8.51
CA VAL A 6 -21.74 -3.05 9.92
C VAL A 6 -20.40 -3.40 10.59
N LYS A 7 -19.59 -4.22 9.94
N LYS A 7 -19.59 -4.25 9.96
CA LYS A 7 -18.29 -4.59 10.54
CA LYS A 7 -18.26 -4.62 10.53
C LYS A 7 -17.30 -3.39 10.53
C LYS A 7 -17.32 -3.39 10.54
N VAL A 8 -17.35 -2.55 9.51
CA VAL A 8 -16.57 -1.32 9.50
C VAL A 8 -16.96 -0.45 10.70
N LYS A 9 -18.27 -0.28 10.92
CA LYS A 9 -18.71 0.49 12.05
C LYS A 9 -18.31 -0.13 13.40
N ASP A 10 -18.38 -1.45 13.50
CA ASP A 10 -17.99 -2.07 14.71
CA ASP A 10 -17.95 -2.14 14.71
C ASP A 10 -16.48 -1.85 14.93
N ALA A 11 -15.67 -1.91 13.85
CA ALA A 11 -14.26 -1.61 13.99
C ALA A 11 -14.04 -0.20 14.48
N GLU A 12 -14.79 0.77 13.97
CA GLU A 12 -14.64 2.13 14.50
C GLU A 12 -14.90 2.25 15.96
N ASP A 13 -15.97 1.54 16.40
CA ASP A 13 -16.38 1.49 17.84
CA ASP A 13 -16.31 1.56 17.82
C ASP A 13 -15.26 0.87 18.68
N GLN A 14 -14.76 -0.31 18.24
CA GLN A 14 -13.76 -1.04 19.03
C GLN A 14 -12.45 -0.33 19.01
N LEU A 15 -12.05 0.28 17.92
CA LEU A 15 -10.77 0.93 17.83
C LEU A 15 -10.74 2.36 18.30
N GLY A 16 -11.92 2.98 18.43
CA GLY A 16 -11.95 4.41 18.80
C GLY A 16 -11.32 5.26 17.73
N ALA A 17 -11.61 4.98 16.46
CA ALA A 17 -10.97 5.63 15.34
C ALA A 17 -11.82 5.52 14.10
N ARG A 18 -11.61 6.44 13.16
CA ARG A 18 -12.23 6.34 11.86
C ARG A 18 -11.64 5.23 11.02
N VAL A 19 -12.50 4.59 10.24
CA VAL A 19 -12.11 3.57 9.27
C VAL A 19 -12.69 3.99 7.94
N GLY A 20 -11.84 3.96 6.90
CA GLY A 20 -12.27 4.23 5.53
C GLY A 20 -12.21 2.95 4.73
N TYR A 21 -13.15 2.79 3.82
CA TYR A 21 -13.32 1.50 3.14
C TYR A 21 -13.85 1.76 1.73
N ILE A 22 -13.31 1.07 0.74
CA ILE A 22 -13.96 1.05 -0.57
C ILE A 22 -13.68 -0.28 -1.20
N GLU A 23 -14.69 -0.75 -1.99
N GLU A 23 -14.64 -0.69 -2.05
CA GLU A 23 -14.55 -1.88 -2.88
CA GLU A 23 -14.57 -1.92 -2.78
C GLU A 23 -14.91 -1.47 -4.26
C GLU A 23 -14.97 -1.58 -4.23
N LEU A 24 -14.07 -1.81 -5.22
CA LEU A 24 -14.35 -1.55 -6.62
C LEU A 24 -14.40 -2.84 -7.40
N ASP A 25 -15.26 -2.87 -8.41
CA ASP A 25 -15.17 -3.89 -9.42
C ASP A 25 -13.92 -3.65 -10.25
N LEU A 26 -13.07 -4.65 -10.38
CA LEU A 26 -11.74 -4.38 -11.03
C LEU A 26 -11.92 -4.09 -12.49
N ASN A 27 -12.84 -4.77 -13.18
CA ASN A 27 -12.96 -4.55 -14.67
C ASN A 27 -13.52 -3.19 -14.96
N SER A 28 -14.57 -2.83 -14.26
CA SER A 28 -15.31 -1.64 -14.60
C SER A 28 -15.04 -0.42 -13.74
N GLY A 29 -14.43 -0.64 -12.57
CA GLY A 29 -14.20 0.44 -11.64
C GLY A 29 -15.41 0.90 -10.85
N LYS A 30 -16.57 0.25 -11.05
CA LYS A 30 -17.78 0.56 -10.30
C LYS A 30 -17.54 0.39 -8.81
N ILE A 31 -18.04 1.34 -8.02
CA ILE A 31 -17.95 1.28 -6.58
C ILE A 31 -19.03 0.34 -6.09
N LEU A 32 -18.62 -0.73 -5.43
CA LEU A 32 -19.53 -1.76 -4.93
C LEU A 32 -19.92 -1.49 -3.49
N GLU A 33 -19.06 -0.87 -2.72
CA GLU A 33 -19.33 -0.56 -1.31
C GLU A 33 -18.38 0.53 -0.89
N SER A 34 -18.80 1.34 0.10
CA SER A 34 -17.92 2.40 0.54
C SER A 34 -18.32 2.91 1.93
N PHE A 35 -17.32 3.40 2.66
CA PHE A 35 -17.55 4.05 3.96
C PHE A 35 -16.45 5.08 4.12
N ARG A 36 -16.79 6.34 4.34
CA ARG A 36 -15.78 7.45 4.38
CA ARG A 36 -15.79 7.44 4.39
C ARG A 36 -14.81 7.39 3.18
N PRO A 37 -15.34 7.18 1.94
CA PRO A 37 -14.42 6.94 0.84
C PRO A 37 -13.56 8.14 0.45
N GLU A 38 -14.04 9.36 0.76
CA GLU A 38 -13.31 10.60 0.39
C GLU A 38 -12.66 11.26 1.56
N GLU A 39 -12.63 10.60 2.72
CA GLU A 39 -11.88 11.15 3.84
C GLU A 39 -10.39 10.80 3.70
N ARG A 40 -9.57 11.62 4.31
CA ARG A 40 -8.12 11.44 4.23
C ARG A 40 -7.59 10.56 5.31
N PHE A 41 -6.61 9.71 4.95
CA PHE A 41 -5.89 8.86 5.83
C PHE A 41 -4.43 8.84 5.47
N PRO A 42 -3.50 8.63 6.42
CA PRO A 42 -2.14 8.39 6.08
C PRO A 42 -1.96 7.18 5.18
N LEU A 43 -1.15 7.30 4.16
CA LEU A 43 -0.75 6.19 3.30
C LEU A 43 0.00 5.09 4.01
N THR A 44 0.90 5.48 4.88
CA THR A 44 1.96 4.59 5.40
C THR A 44 2.49 3.76 4.23
N SER A 45 2.86 2.51 4.48
CA SER A 45 3.62 1.77 3.50
C SER A 45 2.83 1.35 2.29
N THR A 46 1.53 1.57 2.27
CA THR A 46 0.77 1.35 1.06
C THR A 46 1.33 2.12 -0.12
N PHE A 47 2.01 3.26 0.16
CA PHE A 47 2.58 4.05 -0.96
C PHE A 47 3.61 3.30 -1.74
N LYS A 48 4.23 2.27 -1.16
CA LYS A 48 5.33 1.59 -1.83
C LYS A 48 4.91 0.98 -3.17
N VAL A 49 3.64 0.59 -3.31
CA VAL A 49 3.15 0.11 -4.58
C VAL A 49 3.16 1.25 -5.64
N LEU A 50 2.71 2.43 -5.21
CA LEU A 50 2.66 3.57 -6.11
C LEU A 50 4.06 3.95 -6.55
N LEU A 51 5.00 3.90 -5.62
CA LEU A 51 6.41 4.14 -5.89
C LEU A 51 6.93 3.22 -6.94
N CYS A 52 6.72 1.92 -6.76
CA CYS A 52 7.22 0.99 -7.74
C CYS A 52 6.48 1.10 -9.06
N GLY A 53 5.21 1.55 -9.07
CA GLY A 53 4.56 1.86 -10.33
C GLY A 53 5.28 3.01 -11.05
N ALA A 54 5.68 4.06 -10.32
CA ALA A 54 6.43 5.17 -10.91
C ALA A 54 7.76 4.66 -11.44
N VAL A 55 8.44 3.80 -10.75
CA VAL A 55 9.71 3.21 -11.22
C VAL A 55 9.48 2.45 -12.52
N LEU A 56 8.46 1.60 -12.52
CA LEU A 56 8.18 0.80 -13.72
C LEU A 56 7.78 1.68 -14.90
N SER A 57 7.07 2.78 -14.66
CA SER A 57 6.76 3.73 -15.74
C SER A 57 8.04 4.27 -16.34
N ARG A 58 9.02 4.58 -15.51
CA ARG A 58 10.33 5.02 -16.02
C ARG A 58 11.02 3.94 -16.79
N VAL A 59 10.97 2.71 -16.30
CA VAL A 59 11.55 1.57 -17.04
C VAL A 59 10.90 1.51 -18.43
N ASP A 60 9.58 1.56 -18.49
CA ASP A 60 8.89 1.42 -19.76
C ASP A 60 9.31 2.52 -20.75
N ALA A 61 9.62 3.69 -20.22
CA ALA A 61 10.00 4.85 -21.00
C ALA A 61 11.49 4.86 -21.32
N GLY A 62 12.24 3.86 -20.86
CA GLY A 62 13.69 3.79 -21.13
C GLY A 62 14.50 4.70 -20.25
N GLN A 63 13.92 5.20 -19.20
CA GLN A 63 14.59 6.13 -18.29
CA GLN A 63 14.59 6.13 -18.29
C GLN A 63 15.17 5.45 -17.05
N GLU A 64 14.92 4.18 -16.87
CA GLU A 64 15.43 3.40 -15.74
C GLU A 64 15.61 2.00 -16.25
N GLN A 65 16.51 1.28 -15.56
CA GLN A 65 16.82 -0.10 -15.84
C GLN A 65 16.63 -0.92 -14.56
N LEU A 66 15.82 -1.96 -14.64
CA LEU A 66 15.61 -2.82 -13.47
C LEU A 66 16.90 -3.44 -12.94
N GLY A 67 17.90 -3.65 -13.80
CA GLY A 67 19.18 -4.18 -13.39
C GLY A 67 20.17 -3.19 -12.91
N ARG A 68 19.83 -1.89 -12.88
CA ARG A 68 20.83 -0.88 -12.42
C ARG A 68 21.13 -1.08 -10.94
N ARG A 69 22.42 -1.12 -10.55
CA ARG A 69 22.81 -1.34 -9.21
C ARG A 69 22.93 -0.06 -8.45
N ILE A 70 22.29 -0.02 -7.29
CA ILE A 70 22.24 1.13 -6.39
C ILE A 70 23.14 0.84 -5.20
N HIS A 71 24.27 1.56 -5.06
N HIS A 71 24.09 1.75 -5.01
CA HIS A 71 25.08 1.46 -3.81
CA HIS A 71 25.06 1.70 -3.96
C HIS A 71 24.76 2.62 -2.86
C HIS A 71 24.63 2.69 -2.86
N TYR A 72 24.72 2.31 -1.60
CA TYR A 72 24.30 3.20 -0.50
C TYR A 72 25.15 2.93 0.72
N SER A 73 24.89 3.68 1.77
N SER A 73 24.88 3.68 1.76
CA SER A 73 25.77 3.72 2.96
CA SER A 73 25.74 3.72 2.96
C SER A 73 24.98 3.43 4.26
C SER A 73 24.96 3.41 4.27
N GLN A 74 25.73 3.23 5.33
CA GLN A 74 25.16 2.93 6.62
C GLN A 74 24.17 3.99 7.06
N ASN A 75 24.50 5.24 6.81
CA ASN A 75 23.63 6.30 7.25
C ASN A 75 22.31 6.36 6.49
N ASP A 76 22.21 5.71 5.33
CA ASP A 76 20.95 5.59 4.64
C ASP A 76 20.01 4.62 5.34
N LEU A 77 20.50 3.75 6.19
CA LEU A 77 19.62 2.74 6.79
C LEU A 77 18.76 3.34 7.83
N VAL A 78 17.47 3.13 7.73
CA VAL A 78 16.47 3.54 8.67
C VAL A 78 15.81 2.28 9.26
N GLU A 79 14.98 2.47 10.28
N GLU A 79 14.96 2.50 10.26
CA GLU A 79 14.32 1.34 10.93
CA GLU A 79 14.21 1.41 10.92
C GLU A 79 13.48 0.51 9.93
C GLU A 79 13.44 0.53 9.92
N TYR A 80 13.35 -0.75 10.23
CA TYR A 80 12.54 -1.73 9.49
C TYR A 80 13.00 -1.83 8.05
N SER A 81 14.29 -2.21 7.92
CA SER A 81 14.98 -2.34 6.64
C SER A 81 15.66 -3.71 6.59
N PRO A 82 14.89 -4.81 6.63
CA PRO A 82 15.51 -6.11 6.81
C PRO A 82 16.30 -6.60 5.62
N VAL A 83 16.01 -6.15 4.41
CA VAL A 83 16.77 -6.57 3.23
C VAL A 83 17.95 -5.63 2.99
N THR A 84 17.66 -4.32 2.96
CA THR A 84 18.74 -3.39 2.68
C THR A 84 19.83 -3.40 3.71
N GLU A 85 19.56 -3.77 4.95
N GLU A 85 19.52 -3.76 4.96
CA GLU A 85 20.66 -3.84 5.89
CA GLU A 85 20.53 -3.97 6.01
C GLU A 85 21.61 -5.00 5.64
C GLU A 85 21.60 -4.96 5.60
N LYS A 86 21.26 -5.87 4.71
CA LYS A 86 22.14 -6.97 4.29
C LYS A 86 22.88 -6.67 3.01
N HIS A 87 22.85 -5.46 2.49
CA HIS A 87 23.51 -5.17 1.20
C HIS A 87 24.28 -3.85 1.25
N LEU A 88 24.76 -3.43 2.39
N LEU A 88 24.81 -3.52 2.40
CA LEU A 88 25.61 -2.19 2.42
CA LEU A 88 25.52 -2.26 2.49
C LEU A 88 26.80 -2.26 1.51
C LEU A 88 26.78 -2.26 1.62
N THR A 89 27.45 -3.40 1.49
CA THR A 89 28.70 -3.43 0.74
C THR A 89 28.54 -3.69 -0.75
N ASP A 90 27.49 -4.39 -1.12
CA ASP A 90 27.32 -4.88 -2.50
C ASP A 90 26.26 -4.11 -3.27
N GLY A 91 25.41 -3.36 -2.59
CA GLY A 91 24.33 -2.68 -3.25
C GLY A 91 23.19 -3.62 -3.60
N MET A 92 22.17 -3.01 -4.24
CA MET A 92 20.99 -3.76 -4.71
C MET A 92 20.55 -3.18 -6.02
N THR A 93 20.04 -4.02 -6.92
CA THR A 93 19.46 -3.54 -8.15
C THR A 93 18.11 -2.92 -7.92
N VAL A 94 17.67 -2.11 -8.86
CA VAL A 94 16.34 -1.52 -8.77
C VAL A 94 15.27 -2.57 -8.61
N ARG A 95 15.33 -3.67 -9.34
CA ARG A 95 14.41 -4.77 -9.19
CA ARG A 95 14.32 -4.74 -9.14
C ARG A 95 14.39 -5.33 -7.76
N GLU A 96 15.59 -5.55 -7.23
CA GLU A 96 15.72 -6.05 -5.87
C GLU A 96 15.15 -5.12 -4.85
N LEU A 97 15.30 -3.81 -5.08
CA LEU A 97 14.75 -2.79 -4.18
C LEU A 97 13.25 -2.81 -4.20
N CYS A 98 12.64 -2.88 -5.40
CA CYS A 98 11.17 -2.97 -5.40
C CYS A 98 10.65 -4.20 -4.79
N SER A 99 11.29 -5.34 -5.02
CA SER A 99 10.86 -6.56 -4.30
C SER A 99 10.92 -6.38 -2.81
N ALA A 100 12.02 -5.80 -2.31
CA ALA A 100 12.14 -5.57 -0.84
C ALA A 100 11.11 -4.61 -0.33
N ALA A 101 10.92 -3.49 -1.06
CA ALA A 101 9.98 -2.48 -0.63
C ALA A 101 8.56 -3.02 -0.53
N ILE A 102 8.15 -3.84 -1.50
CA ILE A 102 6.78 -4.34 -1.52
C ILE A 102 6.65 -5.55 -0.62
N THR A 103 7.42 -6.60 -0.85
CA THR A 103 7.20 -7.86 -0.12
C THR A 103 7.64 -7.81 1.30
N MET A 104 8.75 -7.11 1.56
CA MET A 104 9.27 -7.01 2.93
C MET A 104 9.00 -5.64 3.56
N SER A 105 8.31 -4.74 2.84
CA SER A 105 8.03 -3.39 3.36
C SER A 105 9.30 -2.66 3.75
N ASP A 106 10.40 -2.93 3.08
CA ASP A 106 11.71 -2.39 3.51
C ASP A 106 11.73 -0.87 3.37
N ASN A 107 11.97 -0.18 4.45
CA ASN A 107 11.89 1.28 4.46
C ASN A 107 13.04 1.93 3.68
N THR A 108 14.26 1.49 3.92
CA THR A 108 15.38 2.07 3.20
C THR A 108 15.24 1.79 1.71
N ALA A 109 14.73 0.60 1.35
CA ALA A 109 14.54 0.32 -0.07
C ALA A 109 13.67 1.35 -0.70
N ALA A 110 12.55 1.71 -0.02
CA ALA A 110 11.67 2.71 -0.53
C ALA A 110 12.34 4.07 -0.64
N ASN A 111 13.17 4.42 0.35
CA ASN A 111 13.88 5.70 0.29
C ASN A 111 14.82 5.74 -0.92
N LEU A 112 15.49 4.65 -1.17
CA LEU A 112 16.43 4.58 -2.31
C LEU A 112 15.68 4.68 -3.63
N LEU A 113 14.54 3.98 -3.73
CA LEU A 113 13.70 4.09 -4.90
C LEU A 113 13.18 5.49 -5.09
N LEU A 114 12.82 6.16 -3.99
CA LEU A 114 12.43 7.57 -4.07
C LEU A 114 13.58 8.40 -4.64
N THR A 115 14.80 8.15 -4.20
CA THR A 115 15.93 8.85 -4.83
C THR A 115 15.96 8.56 -6.35
N THR A 116 15.79 7.30 -6.75
CA THR A 116 15.86 7.00 -8.18
C THR A 116 14.90 7.81 -8.98
N ILE A 117 13.70 8.11 -8.50
CA ILE A 117 12.75 8.91 -9.23
C ILE A 117 12.86 10.39 -9.00
N GLY A 118 13.66 10.80 -8.02
CA GLY A 118 13.83 12.20 -7.70
C GLY A 118 13.03 12.72 -6.53
N GLY A 119 12.41 11.85 -5.75
CA GLY A 119 11.85 12.23 -4.48
C GLY A 119 10.36 12.23 -4.38
N PRO A 120 9.83 12.51 -3.17
CA PRO A 120 8.37 12.53 -2.93
C PRO A 120 7.61 13.44 -3.92
N LYS A 121 8.16 14.60 -4.22
CA LYS A 121 7.46 15.49 -5.15
C LYS A 121 7.31 14.89 -6.52
N GLU A 122 8.32 14.12 -6.97
CA GLU A 122 8.22 13.45 -8.25
C GLU A 122 7.21 12.31 -8.21
N LEU A 123 7.09 11.61 -7.08
CA LEU A 123 6.02 10.63 -6.99
C LEU A 123 4.67 11.31 -7.11
N THR A 124 4.50 12.39 -6.37
CA THR A 124 3.23 13.10 -6.37
C THR A 124 2.93 13.61 -7.80
N ASP A 125 3.96 14.13 -8.51
N ASP A 125 3.95 14.12 -8.51
CA ASP A 125 3.75 14.59 -9.88
CA ASP A 125 3.69 14.57 -9.88
C ASP A 125 3.31 13.43 -10.81
C ASP A 125 3.30 13.42 -10.83
N PHE A 126 3.91 12.24 -10.67
CA PHE A 126 3.48 11.07 -11.41
C PHE A 126 2.02 10.76 -11.15
N LEU A 127 1.62 10.80 -9.88
CA LEU A 127 0.23 10.55 -9.51
C LEU A 127 -0.73 11.53 -10.18
N ARG A 128 -0.35 12.82 -10.13
CA ARG A 128 -1.18 13.83 -10.78
C ARG A 128 -1.31 13.58 -12.26
N GLN A 129 -0.22 13.19 -12.89
CA GLN A 129 -0.21 12.96 -14.35
C GLN A 129 -1.12 11.79 -14.73
N ILE A 130 -1.30 10.80 -13.88
CA ILE A 130 -2.14 9.68 -14.20
C ILE A 130 -3.57 9.91 -13.69
N GLY A 131 -3.89 11.09 -13.18
CA GLY A 131 -5.24 11.44 -12.82
C GLY A 131 -5.62 11.26 -11.37
N ASP A 132 -4.68 11.00 -10.50
CA ASP A 132 -4.97 10.97 -9.03
C ASP A 132 -4.76 12.36 -8.51
N LYS A 133 -5.86 13.02 -8.15
CA LYS A 133 -5.82 14.38 -7.69
C LYS A 133 -5.68 14.54 -6.19
N GLU A 134 -5.63 13.44 -5.44
N GLU A 134 -5.68 13.44 -5.45
CA GLU A 134 -5.65 13.47 -4.02
CA GLU A 134 -5.67 13.47 -3.99
C GLU A 134 -4.35 13.00 -3.35
C GLU A 134 -4.36 13.01 -3.35
N THR A 135 -3.84 11.88 -3.77
CA THR A 135 -2.75 11.27 -3.05
C THR A 135 -1.55 12.18 -3.05
N ARG A 136 -0.84 12.27 -1.95
CA ARG A 136 0.37 13.10 -1.89
C ARG A 136 1.40 12.40 -1.02
N LEU A 137 2.62 12.42 -1.49
CA LEU A 137 3.77 12.03 -0.67
C LEU A 137 4.64 13.26 -0.53
N ASP A 138 4.98 13.56 0.73
CA ASP A 138 5.70 14.73 1.11
C ASP A 138 7.04 14.41 1.77
N ARG A 139 7.12 13.27 2.46
CA ARG A 139 8.27 12.88 3.26
C ARG A 139 8.67 11.49 2.89
N ILE A 140 9.87 11.11 3.36
CA ILE A 140 10.40 9.76 3.18
C ILE A 140 10.25 8.93 4.46
N GLU A 141 10.70 7.70 4.43
CA GLU A 141 10.59 6.84 5.59
C GLU A 141 11.65 7.22 6.60
N PRO A 142 11.39 7.18 7.92
CA PRO A 142 10.13 6.80 8.56
C PRO A 142 9.19 7.95 8.84
N ASP A 143 9.61 9.16 8.50
N ASP A 143 9.56 9.16 8.49
CA ASP A 143 8.89 10.38 8.80
CA ASP A 143 8.77 10.29 8.94
C ASP A 143 7.44 10.38 8.31
C ASP A 143 7.39 10.35 8.33
N LEU A 144 7.21 9.76 7.14
CA LEU A 144 5.90 9.75 6.52
C LEU A 144 4.90 8.96 7.33
N ASN A 145 5.35 8.16 8.32
CA ASN A 145 4.46 7.39 9.17
C ASN A 145 3.94 8.13 10.39
N GLU A 146 4.26 9.41 10.50
N GLU A 146 4.25 9.42 10.55
CA GLU A 146 3.98 10.13 11.76
CA GLU A 146 3.89 10.06 11.84
C GLU A 146 2.51 10.12 12.14
C GLU A 146 2.44 10.04 12.16
N GLY A 147 1.59 10.34 11.20
CA GLY A 147 0.16 10.32 11.52
C GLY A 147 -0.29 11.44 12.43
N LYS A 148 0.32 12.59 12.34
N LYS A 148 0.32 12.60 12.35
CA LYS A 148 -0.04 13.73 13.22
CA LYS A 148 -0.07 13.69 13.25
C LYS A 148 -1.47 14.20 12.97
C LYS A 148 -1.48 14.17 12.98
N LEU A 149 -2.15 14.58 14.06
CA LEU A 149 -3.48 15.10 13.96
C LEU A 149 -3.47 16.38 13.16
N GLY A 150 -4.36 16.51 12.18
CA GLY A 150 -4.45 17.76 11.43
C GLY A 150 -3.39 17.94 10.37
N ASP A 151 -2.65 16.87 10.04
CA ASP A 151 -1.58 16.97 9.05
C ASP A 151 -2.04 16.29 7.76
N LEU A 152 -2.00 17.00 6.66
CA LEU A 152 -2.36 16.48 5.36
C LEU A 152 -1.20 15.80 4.66
N ARG A 153 0.03 15.91 5.16
CA ARG A 153 1.16 15.29 4.45
C ARG A 153 0.99 13.77 4.39
N ASP A 154 1.41 13.20 3.27
CA ASP A 154 1.52 11.74 3.15
C ASP A 154 0.19 11.05 3.32
N THR A 155 -0.85 11.60 2.73
CA THR A 155 -2.18 11.07 2.81
C THR A 155 -2.78 10.77 1.44
N THR A 156 -3.83 9.97 1.50
CA THR A 156 -4.70 9.66 0.38
C THR A 156 -6.14 9.56 0.86
N THR A 157 -7.04 9.25 -0.04
CA THR A 157 -8.38 8.84 0.31
C THR A 157 -8.56 7.40 -0.17
N PRO A 158 -9.47 6.65 0.40
CA PRO A 158 -9.71 5.30 -0.12
C PRO A 158 -10.05 5.32 -1.58
N LYS A 159 -10.94 6.23 -1.96
CA LYS A 159 -11.38 6.29 -3.35
C LYS A 159 -10.23 6.59 -4.28
N ALA A 160 -9.38 7.55 -3.93
CA ALA A 160 -8.29 7.90 -4.83
C ALA A 160 -7.34 6.75 -5.06
N ILE A 161 -6.85 6.12 -3.96
CA ILE A 161 -5.87 5.11 -4.15
C ILE A 161 -6.45 3.83 -4.75
N ALA A 162 -7.74 3.55 -4.50
CA ALA A 162 -8.36 2.40 -5.15
C ALA A 162 -8.31 2.59 -6.68
N SER A 163 -8.70 3.78 -7.16
N SER A 163 -8.68 3.78 -7.14
CA SER A 163 -8.65 4.07 -8.59
CA SER A 163 -8.67 4.06 -8.55
C SER A 163 -7.23 4.01 -9.11
C SER A 163 -7.25 4.04 -9.12
N THR A 164 -6.29 4.54 -8.36
CA THR A 164 -4.89 4.52 -8.80
C THR A 164 -4.38 3.06 -8.91
N LEU A 165 -4.69 2.25 -7.92
CA LEU A 165 -4.28 0.87 -7.99
C LEU A 165 -4.83 0.19 -9.19
N ARG A 166 -6.11 0.44 -9.50
CA ARG A 166 -6.72 -0.14 -10.68
C ARG A 166 -5.99 0.32 -11.95
N LYS A 167 -5.61 1.61 -12.03
CA LYS A 167 -4.86 2.10 -13.21
CA LYS A 167 -4.85 2.12 -13.19
C LYS A 167 -3.54 1.39 -13.34
N LEU A 168 -2.88 1.08 -12.26
CA LEU A 168 -1.56 0.45 -12.32
C LEU A 168 -1.66 -1.02 -12.71
N LEU A 169 -2.70 -1.69 -12.23
CA LEU A 169 -2.76 -3.15 -12.38
C LEU A 169 -3.49 -3.61 -13.60
N THR A 170 -4.23 -2.73 -14.25
CA THR A 170 -5.09 -3.09 -15.39
C THR A 170 -4.85 -2.06 -16.50
N GLY A 171 -5.39 -2.28 -17.69
CA GLY A 171 -5.26 -1.28 -18.79
C GLY A 171 -3.83 -1.16 -19.26
N GLU A 172 -3.50 0.04 -19.76
CA GLU A 172 -2.27 0.32 -20.48
C GLU A 172 -1.30 1.37 -19.92
N LEU A 173 -1.56 1.85 -18.71
CA LEU A 173 -0.61 2.76 -18.06
C LEU A 173 0.81 2.19 -17.98
N LEU A 174 0.92 0.96 -17.57
CA LEU A 174 2.17 0.23 -17.63
C LEU A 174 2.08 -0.77 -18.78
N THR A 175 3.24 -1.12 -19.33
CA THR A 175 3.30 -2.22 -20.25
C THR A 175 2.84 -3.50 -19.60
N LEU A 176 2.52 -4.51 -20.40
CA LEU A 176 2.17 -5.78 -19.84
C LEU A 176 3.25 -6.35 -18.94
N ALA A 177 4.52 -6.26 -19.39
CA ALA A 177 5.61 -6.77 -18.61
C ALA A 177 5.66 -6.05 -17.24
N SER A 178 5.51 -4.74 -17.22
CA SER A 178 5.57 -4.02 -15.98
C SER A 178 4.39 -4.28 -15.10
N ARG A 179 3.17 -4.31 -15.68
N ARG A 179 3.20 -4.34 -15.67
CA ARG A 179 1.96 -4.71 -14.90
CA ARG A 179 2.03 -4.62 -14.85
C ARG A 179 2.19 -6.02 -14.22
C ARG A 179 2.16 -6.02 -14.22
N GLN A 180 2.66 -6.98 -14.99
CA GLN A 180 2.84 -8.33 -14.41
C GLN A 180 3.90 -8.33 -13.34
N GLN A 181 4.96 -7.54 -13.51
CA GLN A 181 5.99 -7.48 -12.50
C GLN A 181 5.43 -6.86 -11.21
N LEU A 182 4.65 -5.80 -11.32
CA LEU A 182 4.08 -5.18 -10.14
C LEU A 182 3.17 -6.16 -9.41
N ILE A 183 2.33 -6.85 -10.17
CA ILE A 183 1.43 -7.85 -9.57
C ILE A 183 2.27 -8.95 -8.90
N ASP A 184 3.31 -9.42 -9.55
CA ASP A 184 4.14 -10.47 -9.00
C ASP A 184 4.72 -10.07 -7.66
N TRP A 185 5.24 -8.82 -7.58
CA TRP A 185 5.78 -8.36 -6.29
C TRP A 185 4.67 -8.34 -5.23
N MET A 186 3.49 -7.85 -5.57
CA MET A 186 2.41 -7.74 -4.61
C MET A 186 1.85 -9.12 -4.23
N GLU A 187 1.94 -10.09 -5.11
CA GLU A 187 1.40 -11.41 -4.80
CA GLU A 187 1.43 -11.44 -4.83
C GLU A 187 2.39 -12.25 -4.00
N ALA A 188 3.68 -11.92 -4.01
CA ALA A 188 4.68 -12.78 -3.40
C ALA A 188 4.40 -13.02 -1.96
N ASP A 189 4.74 -14.24 -1.49
CA ASP A 189 4.55 -14.62 -0.10
C ASP A 189 5.27 -13.67 0.84
N LYS A 190 4.62 -13.38 1.95
CA LYS A 190 5.12 -12.51 2.95
C LYS A 190 5.32 -13.25 4.23
N VAL A 191 6.03 -12.66 5.16
CA VAL A 191 6.25 -13.28 6.43
C VAL A 191 4.96 -13.41 7.22
N ALA A 192 4.16 -12.39 7.29
CA ALA A 192 2.85 -12.45 8.01
C ALA A 192 1.89 -11.58 7.25
N GLY A 193 0.66 -12.02 7.11
CA GLY A 193 -0.36 -11.33 6.37
C GLY A 193 -1.65 -11.31 7.19
N PRO A 194 -1.68 -10.61 8.31
CA PRO A 194 -2.84 -10.65 9.19
C PRO A 194 -4.09 -10.00 8.62
N LEU A 195 -3.99 -9.06 7.71
CA LEU A 195 -5.16 -8.27 7.35
C LEU A 195 -6.14 -8.85 6.41
N LEU A 196 -5.70 -9.36 5.34
CA LEU A 196 -6.51 -10.00 4.32
C LEU A 196 -6.06 -11.38 3.97
N ARG A 197 -4.75 -11.60 3.91
N ARG A 197 -4.75 -11.64 3.90
CA ARG A 197 -4.30 -12.93 3.56
CA ARG A 197 -4.28 -12.98 3.54
C ARG A 197 -4.81 -13.98 4.50
C ARG A 197 -4.64 -14.06 4.54
N SER A 198 -4.87 -13.63 5.78
CA SER A 198 -5.41 -14.54 6.76
C SER A 198 -6.98 -14.94 6.50
N ALA A 199 -7.75 -14.12 5.72
CA ALA A 199 -9.21 -14.28 5.37
C ALA A 199 -9.43 -14.92 4.01
N LEU A 200 -8.37 -14.98 3.18
CA LEU A 200 -8.50 -15.31 1.81
C LEU A 200 -8.67 -16.85 1.69
N PRO A 201 -9.75 -17.26 0.96
CA PRO A 201 -9.95 -18.64 0.63
C PRO A 201 -8.79 -19.20 -0.23
N ALA A 202 -8.56 -20.47 -0.05
CA ALA A 202 -7.63 -21.20 -0.94
C ALA A 202 -8.07 -21.10 -2.40
N GLY A 203 -7.08 -20.93 -3.24
CA GLY A 203 -7.29 -20.86 -4.65
C GLY A 203 -7.59 -19.43 -5.10
N TRP A 204 -7.82 -18.51 -4.13
CA TRP A 204 -8.08 -17.15 -4.51
C TRP A 204 -6.75 -16.45 -4.79
N PHE A 205 -6.81 -15.43 -5.60
CA PHE A 205 -5.74 -14.51 -5.89
C PHE A 205 -5.78 -13.34 -4.93
N ILE A 206 -4.60 -12.95 -4.48
CA ILE A 206 -4.45 -11.64 -3.83
C ILE A 206 -3.11 -11.02 -4.13
N ALA A 207 -3.18 -9.76 -4.48
CA ALA A 207 -1.98 -8.90 -4.69
C ALA A 207 -2.24 -7.74 -3.74
N ASP A 208 -1.40 -7.56 -2.73
N ASP A 208 -1.46 -7.63 -2.67
CA ASP A 208 -1.73 -6.66 -1.65
CA ASP A 208 -1.73 -6.59 -1.70
C ASP A 208 -0.50 -5.90 -1.19
C ASP A 208 -0.48 -5.86 -1.23
N LYS A 209 -0.73 -4.80 -0.49
CA LYS A 209 0.32 -4.11 0.26
C LYS A 209 -0.31 -3.52 1.52
N SER A 210 0.22 -3.87 2.65
CA SER A 210 -0.21 -3.33 3.92
C SER A 210 0.67 -2.14 4.34
N GLY A 211 0.19 -1.40 5.34
CA GLY A 211 0.94 -0.35 5.93
C GLY A 211 0.65 -0.19 7.38
N ALA A 212 1.65 0.24 8.13
CA ALA A 212 1.49 0.52 9.54
C ALA A 212 2.34 1.73 9.90
N GLY A 213 1.81 2.63 10.68
CA GLY A 213 2.56 3.78 11.12
C GLY A 213 2.32 4.12 12.56
N GLU A 214 2.63 5.31 12.94
N GLU A 214 2.64 5.33 12.93
N GLU A 214 2.63 5.35 12.93
CA GLU A 214 2.40 5.81 14.28
CA GLU A 214 2.45 5.83 14.28
CA GLU A 214 2.41 5.82 14.29
C GLU A 214 0.97 6.26 14.46
C GLU A 214 1.00 6.28 14.46
C GLU A 214 0.98 6.27 14.46
N ARG A 215 0.60 6.47 15.71
CA ARG A 215 -0.68 7.09 16.02
C ARG A 215 -1.86 6.33 15.42
N GLY A 216 -1.74 5.00 15.42
CA GLY A 216 -2.82 4.15 14.99
C GLY A 216 -2.95 3.91 13.53
N SER A 217 -2.08 4.48 12.71
N SER A 217 -2.12 4.52 12.70
CA SER A 217 -2.25 4.33 11.27
CA SER A 217 -2.29 4.41 11.25
C SER A 217 -2.03 2.90 10.82
C SER A 217 -2.03 2.97 10.79
N ARG A 218 -2.98 2.41 10.02
CA ARG A 218 -2.91 1.04 9.49
C ARG A 218 -3.70 1.01 8.23
N GLY A 219 -3.29 0.23 7.26
CA GLY A 219 -4.02 0.17 6.01
C GLY A 219 -3.66 -1.01 5.19
N ILE A 220 -4.47 -1.25 4.16
CA ILE A 220 -4.17 -2.26 3.15
C ILE A 220 -4.83 -1.85 1.88
N ILE A 221 -4.15 -2.07 0.76
CA ILE A 221 -4.71 -2.00 -0.59
C ILE A 221 -4.54 -3.34 -1.23
N ALA A 222 -5.54 -3.80 -1.97
CA ALA A 222 -5.48 -5.15 -2.54
C ALA A 222 -6.29 -5.31 -3.79
N ALA A 223 -5.84 -6.19 -4.68
CA ALA A 223 -6.71 -6.73 -5.73
C ALA A 223 -6.84 -8.22 -5.44
N LEU A 224 -8.07 -8.72 -5.41
CA LEU A 224 -8.30 -10.09 -4.98
C LEU A 224 -9.51 -10.67 -5.73
N GLY A 225 -9.57 -12.00 -5.73
CA GLY A 225 -10.77 -12.63 -6.28
C GLY A 225 -10.60 -14.11 -6.34
N PRO A 226 -11.72 -14.77 -6.72
CA PRO A 226 -11.68 -16.22 -6.75
C PRO A 226 -10.97 -16.78 -7.94
N ASP A 227 -10.54 -18.24 -7.76
CA ASP A 227 -10.09 -18.87 -9.02
C ASP A 227 -8.88 -18.27 -9.61
N GLY A 228 -7.95 -17.83 -8.73
CA GLY A 228 -6.64 -17.40 -9.21
C GLY A 228 -6.63 -16.15 -10.05
N LYS A 229 -7.69 -15.35 -10.03
CA LYS A 229 -7.78 -14.11 -10.78
C LYS A 229 -8.38 -13.03 -9.91
N PRO A 230 -7.79 -11.82 -9.97
CA PRO A 230 -8.45 -10.76 -9.19
C PRO A 230 -9.74 -10.31 -9.87
N SER A 231 -10.76 -9.88 -9.10
CA SER A 231 -11.99 -9.29 -9.66
C SER A 231 -12.43 -8.05 -8.91
N ARG A 232 -11.81 -7.72 -7.73
CA ARG A 232 -12.19 -6.52 -6.99
C ARG A 232 -10.93 -5.87 -6.44
N ILE A 233 -11.00 -4.58 -6.24
CA ILE A 233 -10.02 -3.84 -5.44
C ILE A 233 -10.69 -3.51 -4.12
N VAL A 234 -9.93 -3.69 -3.04
N VAL A 234 -9.93 -3.69 -3.04
CA VAL A 234 -10.39 -3.29 -1.71
CA VAL A 234 -10.38 -3.29 -1.72
C VAL A 234 -9.31 -2.43 -1.08
C VAL A 234 -9.30 -2.44 -1.08
N VAL A 235 -9.74 -1.38 -0.43
CA VAL A 235 -8.87 -0.50 0.34
C VAL A 235 -9.46 -0.29 1.70
N ILE A 236 -8.68 -0.45 2.73
CA ILE A 236 -9.09 -0.21 4.10
C ILE A 236 -8.03 0.61 4.77
N TYR A 237 -8.41 1.70 5.42
CA TYR A 237 -7.51 2.54 6.18
C TYR A 237 -8.14 2.86 7.54
N THR A 238 -7.26 3.06 8.52
CA THR A 238 -7.65 3.65 9.79
C THR A 238 -6.50 4.49 10.31
N THR A 239 -6.80 5.47 11.16
CA THR A 239 -5.74 6.17 11.90
C THR A 239 -6.38 6.73 13.17
N GLY A 240 -5.54 6.94 14.18
CA GLY A 240 -5.90 7.50 15.43
C GLY A 240 -6.08 6.55 16.57
N SER A 241 -6.31 5.28 16.30
CA SER A 241 -6.54 4.32 17.39
C SER A 241 -5.32 4.22 18.28
N GLN A 242 -5.61 4.01 19.58
CA GLN A 242 -4.59 3.68 20.59
C GLN A 242 -4.88 2.34 21.17
N ALA A 243 -5.73 1.56 20.52
CA ALA A 243 -5.88 0.16 20.86
C ALA A 243 -4.56 -0.58 20.54
N THR A 244 -4.43 -1.81 21.03
CA THR A 244 -3.24 -2.54 20.74
C THR A 244 -3.14 -2.81 19.24
N MET A 245 -1.93 -3.10 18.79
N MET A 245 -1.93 -3.09 18.79
CA MET A 245 -1.72 -3.52 17.40
CA MET A 245 -1.74 -3.49 17.41
C MET A 245 -2.54 -4.74 17.09
C MET A 245 -2.51 -4.75 17.08
N ASP A 246 -2.58 -5.72 18.01
CA ASP A 246 -3.35 -6.92 17.75
C ASP A 246 -4.81 -6.61 17.55
N GLU A 247 -5.38 -5.73 18.38
CA GLU A 247 -6.75 -5.36 18.22
C GLU A 247 -7.00 -4.68 16.91
N ARG A 248 -6.12 -3.74 16.52
N ARG A 248 -6.10 -3.79 16.54
CA ARG A 248 -6.21 -3.08 15.19
CA ARG A 248 -6.25 -3.09 15.29
C ARG A 248 -6.27 -4.12 14.10
C ARG A 248 -6.19 -4.03 14.07
N ASN A 249 -5.28 -5.00 14.11
CA ASN A 249 -5.19 -6.00 13.07
C ASN A 249 -6.44 -6.88 13.01
N ARG A 250 -6.90 -7.33 14.19
N ARG A 250 -6.92 -7.30 14.17
CA ARG A 250 -8.10 -8.20 14.29
CA ARG A 250 -8.04 -8.20 14.21
C ARG A 250 -9.33 -7.50 13.73
C ARG A 250 -9.33 -7.50 13.74
N GLN A 251 -9.49 -6.23 14.04
CA GLN A 251 -10.65 -5.53 13.54
C GLN A 251 -10.68 -5.38 12.06
N ILE A 252 -9.50 -5.04 11.50
N ILE A 252 -9.50 -5.07 11.50
CA ILE A 252 -9.40 -4.98 10.04
CA ILE A 252 -9.41 -4.97 10.05
C ILE A 252 -9.58 -6.35 9.41
C ILE A 252 -9.57 -6.34 9.42
N ALA A 253 -8.99 -7.36 10.02
CA ALA A 253 -9.16 -8.73 9.48
C ALA A 253 -10.63 -9.13 9.46
N GLU A 254 -11.42 -8.72 10.46
CA GLU A 254 -12.80 -9.08 10.45
C GLU A 254 -13.59 -8.39 9.35
N ILE A 255 -13.19 -7.17 8.97
CA ILE A 255 -13.75 -6.51 7.78
C ILE A 255 -13.52 -7.39 6.55
N GLY A 256 -12.25 -7.85 6.42
CA GLY A 256 -11.95 -8.74 5.32
C GLY A 256 -12.72 -10.03 5.33
N ALA A 257 -12.90 -10.60 6.51
CA ALA A 257 -13.65 -11.86 6.61
C ALA A 257 -15.11 -11.60 6.12
N SER A 258 -15.67 -10.46 6.48
CA SER A 258 -17.02 -10.12 6.03
C SER A 258 -17.11 -9.94 4.54
N LEU A 259 -16.12 -9.25 3.97
CA LEU A 259 -16.08 -9.08 2.52
C LEU A 259 -16.08 -10.41 1.80
N ILE A 260 -15.30 -11.38 2.31
CA ILE A 260 -15.27 -12.66 1.72
C ILE A 260 -16.55 -13.46 1.94
N LYS A 261 -17.10 -13.41 3.15
CA LYS A 261 -18.31 -14.15 3.40
C LYS A 261 -19.45 -13.70 2.56
N HIS A 262 -19.54 -12.40 2.30
CA HIS A 262 -20.65 -11.79 1.54
C HIS A 262 -20.28 -11.49 0.11
N TRP A 263 -19.23 -12.07 -0.39
CA TRP A 263 -18.74 -11.79 -1.75
C TRP A 263 -19.86 -12.09 -2.77
CL CL B . 19.52 7.31 -8.70
CL CL C . -1.38 -7.97 5.90
CL CL D . -16.44 10.52 2.49
MG MG E . 4.36 -15.29 -7.86
MG MG F . 1.08 -17.86 -0.75
MG MG F . 1.52 -17.47 -2.34
MG MG G . 29.24 3.78 -1.18
CL CL H . -19.88 7.11 4.03
#